data_9GQJ
#
_entry.id   9GQJ
#
_cell.length_a   48.835
_cell.length_b   48.835
_cell.length_c   197.83
_cell.angle_alpha   90
_cell.angle_beta   90
_cell.angle_gamma   120
#
_symmetry.space_group_name_H-M   'P 32 2 1'
#
loop_
_entity.id
_entity.type
_entity.pdbx_description
1 polymer 'Peptidyl-prolyl cis-trans isomerase FKBP5'
2 non-polymer (2~{S},9~{S},12~{R},13~{S},14~{E},18~{R})-2-cyclohexyl-18-(hydroxymethyl)-22,23-dimethoxy-12-methyl-13-oxidanyl-11,17,20-trioxa-4-azatricyclo[19.3.1.0^{4,9}]pentacosa-1(25),14,21,23-tetraene-3,10-dione
3 water water
#
_entity_poly.entity_id   1
_entity_poly.type   'polypeptide(L)'
_entity_poly.pdbx_seq_one_letter_code
;GAPATVTEQGEDITSKKDRGVLKIVKRVGNGEETPMIGDKVYVHYKGKLSNGKKFDSSHDRNEPFVFSLGKGQVIKAWDI
GVATMKKGEIAHLLIKPEYAYGSAGSLPKIPSNATLFFEIELLDFKGE
;
_entity_poly.pdbx_strand_id   B,A
#
# COMPACT_ATOMS: atom_id res chain seq x y z
N GLY A 1 -27.31 0.92 -16.70
CA GLY A 1 -26.89 -0.13 -15.76
C GLY A 1 -26.51 0.47 -14.41
N ALA A 2 -26.17 -0.41 -13.48
CA ALA A 2 -25.78 -0.02 -12.14
C ALA A 2 -24.74 1.11 -12.16
N PRO A 3 -23.65 1.08 -12.97
CA PRO A 3 -22.67 2.18 -12.95
C PRO A 3 -23.31 3.53 -13.27
N ALA A 4 -24.14 3.54 -14.31
CA ALA A 4 -24.75 4.81 -14.73
C ALA A 4 -25.69 5.31 -13.64
N THR A 5 -26.31 4.37 -12.91
CA THR A 5 -27.24 4.75 -11.87
C THR A 5 -26.42 5.44 -10.77
N VAL A 6 -25.14 5.05 -10.65
CA VAL A 6 -24.34 5.64 -9.59
C VAL A 6 -23.95 7.05 -9.99
N THR A 7 -23.43 7.21 -11.20
CA THR A 7 -23.22 8.54 -11.76
C THR A 7 -24.44 9.44 -11.44
N GLU A 8 -25.66 8.95 -11.68
CA GLU A 8 -26.87 9.79 -11.62
C GLU A 8 -27.36 10.09 -10.19
N GLN A 9 -27.24 9.11 -9.26
CA GLN A 9 -27.90 9.21 -7.96
C GLN A 9 -26.92 9.05 -6.80
N GLY A 10 -25.66 8.69 -7.11
CA GLY A 10 -24.66 8.38 -6.10
C GLY A 10 -24.19 9.64 -5.39
N GLU A 11 -23.93 9.46 -4.09
CA GLU A 11 -23.39 10.49 -3.19
C GLU A 11 -21.88 10.55 -3.38
N ASP A 12 -21.34 11.79 -3.36
CA ASP A 12 -19.91 12.00 -3.45
C ASP A 12 -19.34 11.90 -2.04
N ILE A 13 -18.58 10.83 -1.74
CA ILE A 13 -18.11 10.61 -0.39
C ILE A 13 -16.64 11.00 -0.28
N THR A 14 -16.09 11.73 -1.25
CA THR A 14 -14.72 12.26 -1.10
C THR A 14 -14.65 13.54 -0.25
N SER A 15 -13.55 13.70 0.50
CA SER A 15 -13.32 14.93 1.25
C SER A 15 -13.17 16.14 0.34
N LYS A 16 -12.48 15.98 -0.79
CA LYS A 16 -12.33 17.10 -1.74
C LYS A 16 -13.61 17.39 -2.52
N LYS A 17 -14.62 16.54 -2.44
CA LYS A 17 -15.83 16.75 -3.20
C LYS A 17 -15.52 16.85 -4.71
N ASP A 18 -14.77 15.89 -5.20
CA ASP A 18 -14.29 15.82 -6.58
C ASP A 18 -14.95 14.69 -7.37
N ARG A 19 -16.05 14.13 -6.86
CA ARG A 19 -16.81 13.06 -7.47
C ARG A 19 -15.92 11.83 -7.72
N GLY A 20 -14.79 11.67 -7.00
CA GLY A 20 -13.89 10.57 -7.38
C GLY A 20 -14.35 9.24 -6.84
N VAL A 21 -15.21 9.24 -5.84
CA VAL A 21 -15.81 8.05 -5.23
C VAL A 21 -17.29 8.39 -5.00
N LEU A 22 -18.17 7.74 -5.76
CA LEU A 22 -19.63 7.89 -5.71
C LEU A 22 -20.29 6.62 -5.14
N LYS A 23 -21.31 6.73 -4.29
CA LYS A 23 -21.87 5.62 -3.52
C LYS A 23 -23.39 5.63 -3.54
N ILE A 24 -23.99 4.46 -3.80
CA ILE A 24 -25.41 4.24 -3.58
C ILE A 24 -25.54 3.06 -2.64
N VAL A 25 -26.30 3.22 -1.55
CA VAL A 25 -26.60 2.12 -0.65
C VAL A 25 -27.67 1.26 -1.35
N LYS A 26 -27.41 -0.02 -1.55
CA LYS A 26 -28.41 -0.80 -2.27
C LYS A 26 -29.21 -1.66 -1.32
N ARG A 27 -28.65 -2.02 -0.17
CA ARG A 27 -29.36 -2.72 0.90
C ARG A 27 -28.79 -2.23 2.22
N VAL A 28 -29.68 -1.72 3.09
CA VAL A 28 -29.29 -1.08 4.32
C VAL A 28 -28.79 -2.15 5.31
N GLY A 29 -27.80 -1.76 6.14
CA GLY A 29 -27.17 -2.64 7.13
C GLY A 29 -27.80 -2.53 8.52
N ASN A 30 -27.10 -3.03 9.56
CA ASN A 30 -27.66 -3.13 10.91
C ASN A 30 -26.76 -2.37 11.88
N GLY A 31 -27.38 -1.57 12.78
CA GLY A 31 -26.68 -0.94 13.89
C GLY A 31 -25.90 0.29 13.44
N GLU A 32 -25.38 1.07 14.40
CA GLU A 32 -24.88 2.42 14.14
C GLU A 32 -23.40 2.38 13.71
N GLU A 33 -22.62 1.37 14.15
CA GLU A 33 -21.18 1.38 14.04
C GLU A 33 -20.78 1.16 12.58
N THR A 34 -19.68 1.84 12.20
CA THR A 34 -19.01 1.65 10.91
C THR A 34 -17.56 1.33 11.20
N PRO A 35 -16.77 0.79 10.26
CA PRO A 35 -15.43 0.40 10.62
C PRO A 35 -14.58 1.64 10.89
N MET A 36 -13.59 1.43 11.72
CA MET A 36 -12.58 2.44 11.99
C MET A 36 -11.31 1.95 11.35
N ILE A 37 -10.44 2.96 11.09
CA ILE A 37 -9.12 2.63 10.65
C ILE A 37 -8.48 1.62 11.60
N GLY A 38 -7.91 0.59 10.94
CA GLY A 38 -7.22 -0.49 11.59
C GLY A 38 -8.11 -1.74 11.78
N ASP A 39 -9.44 -1.59 11.71
CA ASP A 39 -10.34 -2.72 11.93
C ASP A 39 -10.08 -3.79 10.84
N LYS A 40 -10.23 -5.08 11.20
CA LYS A 40 -10.16 -6.17 10.24
C LYS A 40 -11.56 -6.28 9.63
N VAL A 41 -11.70 -6.23 8.31
CA VAL A 41 -12.99 -6.07 7.65
C VAL A 41 -13.21 -7.26 6.70
N TYR A 42 -14.45 -7.78 6.71
CA TYR A 42 -14.83 -8.97 5.95
C TYR A 42 -15.86 -8.55 4.92
N VAL A 43 -15.64 -8.84 3.62
CA VAL A 43 -16.63 -8.43 2.63
C VAL A 43 -16.78 -9.54 1.57
N HIS A 44 -17.88 -9.45 0.81
CA HIS A 44 -18.00 -10.03 -0.54
C HIS A 44 -18.10 -8.88 -1.53
N TYR A 45 -17.55 -9.06 -2.74
CA TYR A 45 -17.66 -8.01 -3.74
C TYR A 45 -17.66 -8.59 -5.16
N LYS A 46 -18.21 -7.79 -6.09
CA LYS A 46 -18.07 -7.97 -7.54
C LYS A 46 -17.53 -6.63 -8.10
N GLY A 47 -16.44 -6.69 -8.85
CA GLY A 47 -15.76 -5.51 -9.40
C GLY A 47 -15.54 -5.69 -10.91
N LYS A 48 -15.57 -4.57 -11.65
CA LYS A 48 -15.27 -4.59 -13.06
C LYS A 48 -14.72 -3.23 -13.49
N LEU A 49 -13.99 -3.22 -14.61
CA LEU A 49 -13.66 -1.97 -15.29
C LEU A 49 -15.02 -1.43 -15.71
N SER A 50 -15.21 -0.11 -15.69
CA SER A 50 -16.56 0.36 -16.01
C SER A 50 -16.90 0.06 -17.48
N ASN A 51 -15.86 -0.09 -18.34
CA ASN A 51 -15.84 -0.63 -19.70
C ASN A 51 -16.06 -2.14 -19.83
N GLY A 52 -16.32 -2.87 -18.74
CA GLY A 52 -16.63 -4.30 -18.75
C GLY A 52 -15.56 -5.26 -19.33
N LYS A 53 -14.28 -4.86 -19.41
CA LYS A 53 -13.28 -5.68 -20.07
C LYS A 53 -12.65 -6.73 -19.12
N LYS A 54 -12.86 -6.59 -17.80
CA LYS A 54 -12.22 -7.39 -16.77
C LYS A 54 -13.16 -7.34 -15.56
N PHE A 55 -13.45 -8.52 -15.01
CA PHE A 55 -14.33 -8.74 -13.86
C PHE A 55 -13.60 -9.53 -12.78
N ASP A 56 -14.05 -9.35 -11.55
CA ASP A 56 -13.45 -10.05 -10.44
C ASP A 56 -14.52 -10.12 -9.36
N SER A 57 -14.46 -11.20 -8.58
CA SER A 57 -15.39 -11.40 -7.49
C SER A 57 -14.77 -12.29 -6.41
N SER A 58 -15.02 -11.92 -5.15
CA SER A 58 -14.66 -12.75 -4.03
C SER A 58 -15.23 -14.17 -4.19
N HIS A 59 -16.43 -14.25 -4.74
CA HIS A 59 -17.07 -15.53 -5.02
C HIS A 59 -16.25 -16.47 -5.90
N ASP A 60 -15.40 -15.93 -6.77
CA ASP A 60 -14.61 -16.74 -7.68
C ASP A 60 -13.57 -17.55 -6.90
N ARG A 61 -13.20 -17.07 -5.69
CA ARG A 61 -12.19 -17.69 -4.84
C ARG A 61 -12.86 -18.47 -3.68
N ASN A 62 -14.22 -18.55 -3.66
CA ASN A 62 -14.95 -19.32 -2.67
C ASN A 62 -14.68 -18.90 -1.23
N GLU A 63 -14.71 -17.59 -0.86
CA GLU A 63 -14.55 -17.16 0.54
C GLU A 63 -14.59 -15.63 0.68
N PRO A 64 -14.91 -15.04 1.86
CA PRO A 64 -14.89 -13.57 2.00
C PRO A 64 -13.50 -13.03 1.74
N PHE A 65 -13.48 -11.76 1.30
CA PHE A 65 -12.26 -11.02 1.14
C PHE A 65 -12.02 -10.24 2.44
N VAL A 66 -10.80 -10.30 2.95
CA VAL A 66 -10.51 -9.79 4.29
C VAL A 66 -9.39 -8.80 4.10
N PHE A 67 -9.53 -7.60 4.75
CA PHE A 67 -8.44 -6.65 4.74
C PHE A 67 -8.57 -5.74 5.96
N SER A 68 -7.47 -5.08 6.30
CA SER A 68 -7.46 -4.12 7.41
C SER A 68 -7.76 -2.73 6.86
N LEU A 69 -8.79 -2.08 7.38
CA LEU A 69 -9.17 -0.76 6.86
C LEU A 69 -8.06 0.27 7.08
N GLY A 70 -7.77 1.00 6.01
CA GLY A 70 -6.94 2.21 6.10
C GLY A 70 -5.47 1.87 6.16
N LYS A 71 -5.06 0.63 5.78
CA LYS A 71 -3.80 0.00 6.24
C LYS A 71 -2.98 -0.43 5.04
N GLY A 72 -3.15 0.25 3.92
CA GLY A 72 -2.28 0.07 2.76
C GLY A 72 -2.78 -0.99 1.75
N GLN A 73 -3.95 -1.62 1.94
CA GLN A 73 -4.11 -2.95 1.39
C GLN A 73 -5.02 -2.98 0.18
N VAL A 74 -5.78 -1.91 -0.01
CA VAL A 74 -6.75 -1.80 -1.07
C VAL A 74 -6.56 -0.40 -1.69
N ILE A 75 -7.14 -0.17 -2.82
CA ILE A 75 -7.18 1.16 -3.45
C ILE A 75 -7.85 2.15 -2.48
N LYS A 76 -7.52 3.44 -2.66
CA LYS A 76 -7.98 4.53 -1.78
C LYS A 76 -9.48 4.50 -1.69
N ALA A 77 -10.14 4.32 -2.85
CA ALA A 77 -11.60 4.30 -2.93
C ALA A 77 -12.25 3.29 -1.98
N TRP A 78 -11.61 2.12 -1.80
CA TRP A 78 -12.12 1.17 -0.80
C TRP A 78 -11.93 1.61 0.65
N ASP A 79 -10.79 2.17 1.01
CA ASP A 79 -10.54 2.68 2.37
C ASP A 79 -11.59 3.71 2.70
N ILE A 80 -11.86 4.58 1.72
CA ILE A 80 -12.89 5.62 1.89
C ILE A 80 -14.30 5.02 1.98
N GLY A 81 -14.66 4.20 1.02
CA GLY A 81 -16.03 3.69 0.88
C GLY A 81 -16.48 2.65 1.88
N VAL A 82 -15.59 1.67 2.22
CA VAL A 82 -15.94 0.63 3.17
C VAL A 82 -16.05 1.24 4.57
N ALA A 83 -15.30 2.31 4.86
CA ALA A 83 -15.40 2.96 6.16
C ALA A 83 -16.79 3.50 6.46
N THR A 84 -17.55 3.83 5.41
CA THR A 84 -18.91 4.39 5.52
C THR A 84 -19.98 3.32 5.71
N MET A 85 -19.66 2.04 5.71
CA MET A 85 -20.69 1.02 5.61
C MET A 85 -21.02 0.40 6.97
N LYS A 86 -22.24 -0.17 7.11
CA LYS A 86 -22.67 -0.94 8.27
C LYS A 86 -22.62 -2.46 8.05
N LYS A 87 -22.68 -3.23 9.17
CA LYS A 87 -22.65 -4.68 9.19
C LYS A 87 -23.88 -5.10 8.41
N GLY A 88 -23.71 -5.78 7.27
CA GLY A 88 -24.83 -6.26 6.46
C GLY A 88 -25.26 -5.34 5.31
N GLU A 89 -24.72 -4.10 5.23
CA GLU A 89 -24.96 -3.23 4.10
C GLU A 89 -24.39 -3.81 2.79
N ILE A 90 -25.10 -3.58 1.66
CA ILE A 90 -24.55 -3.70 0.30
C ILE A 90 -24.59 -2.32 -0.36
N ALA A 91 -23.47 -1.90 -0.97
CA ALA A 91 -23.33 -0.63 -1.65
C ALA A 91 -22.73 -0.80 -3.03
N HIS A 92 -23.01 0.17 -3.90
CA HIS A 92 -22.29 0.33 -5.15
C HIS A 92 -21.35 1.52 -5.13
N LEU A 93 -20.12 1.32 -5.61
CA LEU A 93 -19.15 2.39 -5.75
C LEU A 93 -18.77 2.56 -7.21
N LEU A 94 -18.73 3.81 -7.65
CA LEU A 94 -18.08 4.13 -8.91
C LEU A 94 -16.91 5.07 -8.68
N ILE A 95 -15.77 4.69 -9.27
CA ILE A 95 -14.46 5.19 -8.89
C ILE A 95 -13.63 5.74 -10.03
N LYS A 96 -13.31 7.04 -9.99
CA LYS A 96 -12.34 7.61 -10.91
C LYS A 96 -10.90 7.15 -10.68
N PRO A 97 -10.05 7.21 -11.71
CA PRO A 97 -8.71 6.64 -11.64
C PRO A 97 -7.78 7.16 -10.53
N GLU A 98 -7.92 8.43 -10.18
CA GLU A 98 -7.13 8.97 -9.09
C GLU A 98 -7.33 8.16 -7.80
N TYR A 99 -8.53 7.52 -7.59
CA TYR A 99 -8.84 6.83 -6.35
C TYR A 99 -8.78 5.30 -6.57
N ALA A 100 -8.18 4.90 -7.67
CA ALA A 100 -8.01 3.49 -8.01
C ALA A 100 -6.54 3.30 -8.43
N TYR A 101 -6.26 3.14 -9.76
CA TYR A 101 -4.92 2.84 -10.19
C TYR A 101 -4.26 3.96 -11.03
N GLY A 102 -4.92 5.07 -11.25
CA GLY A 102 -4.25 6.29 -11.72
C GLY A 102 -3.82 6.25 -13.18
N SER A 103 -2.89 7.15 -13.53
CA SER A 103 -2.37 7.17 -14.90
C SER A 103 -1.50 5.94 -15.17
N ALA A 104 -0.85 5.42 -14.14
CA ALA A 104 0.06 4.30 -14.30
C ALA A 104 -0.73 3.02 -14.64
N GLY A 105 -1.89 2.87 -14.04
CA GLY A 105 -2.67 1.66 -14.14
C GLY A 105 -1.99 0.53 -13.39
N SER A 106 -2.32 -0.71 -13.77
CA SER A 106 -1.72 -1.90 -13.18
C SER A 106 -1.75 -2.93 -14.32
N LEU A 107 -0.93 -2.65 -15.34
CA LEU A 107 -0.93 -3.40 -16.57
C LEU A 107 -0.33 -4.77 -16.30
N PRO A 108 -0.75 -5.83 -17.02
CA PRO A 108 -1.76 -5.76 -18.08
C PRO A 108 -3.20 -5.84 -17.61
N LYS A 109 -3.46 -6.08 -16.31
CA LYS A 109 -4.82 -6.26 -15.84
C LYS A 109 -5.66 -4.97 -15.89
N ILE A 110 -5.09 -3.82 -15.51
CA ILE A 110 -5.85 -2.61 -15.40
C ILE A 110 -5.19 -1.54 -16.25
N PRO A 111 -5.88 -0.96 -17.26
CA PRO A 111 -5.31 0.06 -18.12
C PRO A 111 -5.07 1.38 -17.38
N SER A 112 -4.29 2.23 -18.03
CA SER A 112 -4.09 3.58 -17.56
C SER A 112 -5.44 4.33 -17.49
N ASN A 113 -5.64 5.16 -16.46
CA ASN A 113 -6.76 6.07 -16.38
C ASN A 113 -8.10 5.33 -16.39
N ALA A 114 -8.17 4.16 -15.70
CA ALA A 114 -9.34 3.33 -15.70
C ALA A 114 -10.34 3.76 -14.61
N THR A 115 -11.64 3.70 -15.01
CA THR A 115 -12.71 3.90 -14.07
C THR A 115 -13.24 2.54 -13.61
N LEU A 116 -13.45 2.36 -12.29
CA LEU A 116 -13.82 1.09 -11.69
C LEU A 116 -15.21 1.19 -11.07
N PHE A 117 -15.87 0.01 -11.07
CA PHE A 117 -17.19 -0.17 -10.47
C PHE A 117 -17.13 -1.39 -9.54
N PHE A 118 -17.67 -1.26 -8.31
CA PHE A 118 -17.84 -2.38 -7.42
C PHE A 118 -19.23 -2.45 -6.78
N GLU A 119 -19.63 -3.72 -6.54
CA GLU A 119 -20.71 -4.02 -5.60
C GLU A 119 -20.07 -4.66 -4.38
N ILE A 120 -20.31 -4.10 -3.17
CA ILE A 120 -19.68 -4.56 -1.92
C ILE A 120 -20.79 -4.86 -0.90
N GLU A 121 -20.64 -6.01 -0.23
CA GLU A 121 -21.41 -6.38 0.96
C GLU A 121 -20.47 -6.43 2.15
N LEU A 122 -20.70 -5.60 3.16
CA LEU A 122 -19.89 -5.65 4.39
C LEU A 122 -20.39 -6.75 5.29
N LEU A 123 -19.60 -7.82 5.51
CA LEU A 123 -20.09 -9.01 6.19
C LEU A 123 -19.88 -8.84 7.70
N ASP A 124 -18.71 -8.29 8.03
CA ASP A 124 -18.38 -8.06 9.43
C ASP A 124 -17.14 -7.18 9.51
N PHE A 125 -16.87 -6.66 10.72
CA PHE A 125 -15.59 -6.04 11.03
C PHE A 125 -15.30 -6.12 12.53
N LYS A 126 -14.03 -6.39 12.87
CA LYS A 126 -13.55 -6.62 14.24
C LYS A 126 -12.34 -5.71 14.50
N GLY A 127 -12.11 -5.30 15.74
CA GLY A 127 -10.96 -4.44 16.04
C GLY A 127 -9.66 -5.23 15.94
N GLU A 128 -8.55 -4.52 15.66
CA GLU A 128 -7.20 -5.09 15.59
C GLU A 128 -6.91 -5.89 16.89
N GLY B 1 22.60 2.19 -13.63
CA GLY B 1 23.15 2.81 -12.41
C GLY B 1 22.71 2.01 -11.20
N ALA B 2 22.48 2.72 -10.07
CA ALA B 2 22.43 2.02 -8.78
C ALA B 2 21.40 0.89 -8.79
N PRO B 3 20.14 1.10 -9.24
CA PRO B 3 19.16 0.03 -9.20
C PRO B 3 19.61 -1.24 -9.96
N ALA B 4 20.18 -1.04 -11.13
CA ALA B 4 20.61 -2.17 -11.93
C ALA B 4 21.79 -2.85 -11.24
N THR B 5 22.68 -2.08 -10.57
CA THR B 5 23.80 -2.67 -9.88
C THR B 5 23.27 -3.61 -8.77
N VAL B 6 22.24 -3.21 -8.04
CA VAL B 6 21.70 -4.07 -6.97
C VAL B 6 21.03 -5.31 -7.59
N THR B 7 20.29 -5.16 -8.69
CA THR B 7 19.75 -6.32 -9.38
C THR B 7 20.85 -7.35 -9.68
N GLU B 8 21.97 -6.89 -10.20
CA GLU B 8 23.03 -7.78 -10.66
C GLU B 8 23.89 -8.34 -9.52
N GLN B 9 24.11 -7.57 -8.43
CA GLN B 9 25.18 -7.90 -7.47
C GLN B 9 24.66 -7.97 -6.02
N GLY B 10 23.41 -7.59 -5.78
CA GLY B 10 22.84 -7.54 -4.45
C GLY B 10 22.71 -8.94 -3.84
N GLU B 11 22.83 -8.96 -2.52
CA GLU B 11 22.45 -10.15 -1.74
C GLU B 11 20.95 -10.19 -1.45
N ASP B 12 20.34 -11.37 -1.55
CA ASP B 12 18.95 -11.53 -1.26
C ASP B 12 18.81 -11.81 0.24
N ILE B 13 18.24 -10.84 0.99
CA ILE B 13 18.20 -10.95 2.45
C ILE B 13 16.80 -11.36 2.89
N THR B 14 15.95 -11.88 1.98
CA THR B 14 14.61 -12.38 2.30
C THR B 14 14.70 -13.81 2.86
N SER B 15 13.82 -14.14 3.83
CA SER B 15 13.75 -15.48 4.38
C SER B 15 13.31 -16.48 3.32
N LYS B 16 12.35 -16.09 2.48
CA LYS B 16 11.84 -16.93 1.43
C LYS B 16 12.82 -17.07 0.24
N LYS B 17 13.86 -16.27 0.18
CA LYS B 17 14.79 -16.25 -0.97
C LYS B 17 14.05 -16.05 -2.30
N ASP B 18 13.24 -15.04 -2.31
CA ASP B 18 12.41 -14.60 -3.45
C ASP B 18 12.94 -13.34 -4.15
N ARG B 19 14.19 -12.95 -3.79
CA ARG B 19 14.80 -11.72 -4.25
C ARG B 19 13.91 -10.49 -4.09
N GLY B 20 13.06 -10.46 -3.05
CA GLY B 20 12.16 -9.37 -2.82
C GLY B 20 12.89 -8.14 -2.26
N VAL B 21 13.96 -8.36 -1.54
CA VAL B 21 14.76 -7.34 -0.90
C VAL B 21 16.20 -7.71 -1.21
N LEU B 22 16.86 -6.87 -2.03
CA LEU B 22 18.24 -7.09 -2.46
C LEU B 22 19.10 -5.97 -1.87
N LYS B 23 20.30 -6.32 -1.38
CA LYS B 23 21.16 -5.41 -0.64
C LYS B 23 22.57 -5.41 -1.11
N ILE B 24 23.12 -4.19 -1.21
CA ILE B 24 24.55 -3.94 -1.28
C ILE B 24 25.01 -3.01 -0.16
N VAL B 25 26.05 -3.43 0.58
CA VAL B 25 26.71 -2.56 1.54
C VAL B 25 27.64 -1.62 0.73
N LYS B 26 27.44 -0.30 0.82
CA LYS B 26 28.25 0.63 0.05
C LYS B 26 29.31 1.26 0.94
N ARG B 27 29.07 1.33 2.26
CA ARG B 27 30.07 1.82 3.20
C ARG B 27 29.88 1.05 4.52
N VAL B 28 30.93 0.35 4.95
CA VAL B 28 30.85 -0.48 6.15
C VAL B 28 30.72 0.39 7.40
N GLY B 29 29.85 -0.11 8.31
CA GLY B 29 29.62 0.45 9.64
C GLY B 29 30.51 -0.19 10.71
N ASN B 30 30.21 0.09 12.00
CA ASN B 30 31.03 -0.42 13.10
C ASN B 30 30.16 -1.09 14.15
N GLY B 31 30.80 -1.85 15.04
CA GLY B 31 30.04 -2.44 16.14
C GLY B 31 29.45 -3.79 15.73
N GLU B 32 29.13 -4.63 16.76
CA GLU B 32 28.57 -5.98 16.58
C GLU B 32 27.03 -5.91 16.54
N GLU B 33 26.40 -4.91 17.18
CA GLU B 33 24.96 -4.79 17.33
C GLU B 33 24.31 -4.47 15.98
N THR B 34 23.09 -5.03 15.74
CA THR B 34 22.23 -4.52 14.68
C THR B 34 20.84 -4.20 15.23
N PRO B 35 20.04 -3.35 14.59
CA PRO B 35 18.73 -3.04 15.13
C PRO B 35 17.83 -4.27 15.22
N MET B 36 16.98 -4.28 16.26
CA MET B 36 16.03 -5.38 16.41
C MET B 36 14.65 -4.84 16.60
N ILE B 37 13.64 -5.74 16.42
CA ILE B 37 12.29 -5.27 16.49
C ILE B 37 12.12 -4.61 17.86
N GLY B 38 11.48 -3.44 17.77
CA GLY B 38 11.13 -2.57 18.85
C GLY B 38 12.05 -1.37 18.96
N ASP B 39 13.25 -1.51 18.45
CA ASP B 39 14.24 -0.43 18.62
C ASP B 39 13.78 0.86 17.95
N LYS B 40 14.23 2.01 18.48
CA LYS B 40 14.04 3.28 17.83
C LYS B 40 15.26 3.53 16.95
N VAL B 41 15.07 3.71 15.64
CA VAL B 41 16.13 3.72 14.66
C VAL B 41 16.17 5.10 13.99
N TYR B 42 17.38 5.64 13.82
CA TYR B 42 17.66 6.94 13.24
C TYR B 42 18.43 6.72 11.91
N VAL B 43 17.86 7.21 10.80
CA VAL B 43 18.56 7.11 9.53
C VAL B 43 18.48 8.44 8.77
N HIS B 44 19.30 8.51 7.72
CA HIS B 44 19.10 9.36 6.55
C HIS B 44 18.90 8.46 5.34
N TYR B 45 17.99 8.85 4.43
CA TYR B 45 17.75 8.01 3.27
C TYR B 45 17.49 8.89 2.05
N LYS B 46 17.79 8.33 0.86
CA LYS B 46 17.31 8.83 -0.44
C LYS B 46 16.59 7.65 -1.07
N GLY B 47 15.31 7.84 -1.47
CA GLY B 47 14.57 6.80 -2.15
C GLY B 47 14.00 7.30 -3.47
N LYS B 48 13.65 6.34 -4.33
CA LYS B 48 12.96 6.63 -5.58
C LYS B 48 12.26 5.37 -6.11
N LEU B 49 11.26 5.58 -6.92
CA LEU B 49 10.77 4.48 -7.74
C LEU B 49 11.93 4.04 -8.62
N SER B 50 12.02 2.76 -8.98
CA SER B 50 13.24 2.27 -9.58
C SER B 50 13.42 2.80 -10.99
N ASN B 51 12.34 3.22 -11.64
CA ASN B 51 12.40 3.88 -12.92
C ASN B 51 12.52 5.41 -12.80
N GLY B 52 12.99 5.96 -11.65
CA GLY B 52 13.42 7.36 -11.53
C GLY B 52 12.26 8.34 -11.49
N LYS B 53 10.98 7.90 -11.45
CA LYS B 53 9.87 8.82 -11.82
C LYS B 53 9.35 9.59 -10.59
N LYS B 54 9.82 9.25 -9.37
CA LYS B 54 9.57 10.00 -8.15
C LYS B 54 10.78 9.70 -7.23
N PHE B 55 11.19 10.73 -6.46
CA PHE B 55 12.24 10.77 -5.47
C PHE B 55 11.74 11.29 -4.12
N ASP B 56 12.47 10.96 -3.06
CA ASP B 56 12.11 11.41 -1.71
C ASP B 56 13.32 11.19 -0.80
N SER B 57 13.63 12.17 0.08
CA SER B 57 14.77 12.03 0.97
C SER B 57 14.50 12.68 2.33
N SER B 58 14.99 12.05 3.40
CA SER B 58 15.02 12.66 4.70
C SER B 58 15.63 14.06 4.66
N HIS B 59 16.63 14.30 3.79
CA HIS B 59 17.22 15.64 3.73
C HIS B 59 16.22 16.72 3.26
N ASP B 60 15.12 16.33 2.60
CA ASP B 60 14.04 17.27 2.20
C ASP B 60 13.40 17.91 3.45
N ARG B 61 13.43 17.21 4.61
CA ARG B 61 12.80 17.65 5.86
C ARG B 61 13.87 18.22 6.82
N ASN B 62 15.15 18.23 6.39
CA ASN B 62 16.23 18.86 7.14
C ASN B 62 16.44 18.15 8.50
N GLU B 63 16.07 16.85 8.64
CA GLU B 63 16.31 16.14 9.91
C GLU B 63 16.37 14.62 9.69
N PRO B 64 16.98 13.82 10.60
CA PRO B 64 16.92 12.39 10.45
C PRO B 64 15.47 11.90 10.51
N PHE B 65 15.28 10.79 9.83
CA PHE B 65 14.03 10.01 9.82
C PHE B 65 14.13 9.02 10.97
N VAL B 66 13.06 8.98 11.81
CA VAL B 66 13.10 8.16 13.00
C VAL B 66 11.89 7.23 12.98
N PHE B 67 12.14 5.95 13.25
CA PHE B 67 11.04 4.99 13.31
C PHE B 67 11.38 3.83 14.25
N SER B 68 10.33 3.10 14.62
CA SER B 68 10.45 1.95 15.50
C SER B 68 10.41 0.74 14.60
N LEU B 69 11.46 -0.06 14.71
CA LEU B 69 11.56 -1.19 13.81
C LEU B 69 10.51 -2.25 14.12
N GLY B 70 9.76 -2.70 13.08
CA GLY B 70 8.83 -3.80 13.18
C GLY B 70 7.52 -3.37 13.83
N LYS B 71 7.19 -2.06 13.84
CA LYS B 71 6.02 -1.54 14.53
C LYS B 71 4.94 -1.18 13.49
N GLY B 72 5.16 -1.50 12.21
CA GLY B 72 4.20 -1.12 11.18
C GLY B 72 4.35 0.29 10.63
N GLN B 73 5.46 0.99 10.92
CA GLN B 73 5.57 2.37 10.51
C GLN B 73 6.20 2.51 9.14
N VAL B 74 7.01 1.53 8.74
CA VAL B 74 7.70 1.54 7.47
C VAL B 74 7.33 0.24 6.76
N ILE B 75 7.62 0.22 5.45
CA ILE B 75 7.40 -0.97 4.66
C ILE B 75 8.20 -2.15 5.15
N LYS B 76 7.71 -3.34 4.82
CA LYS B 76 8.36 -4.55 5.35
C LYS B 76 9.80 -4.64 4.94
N ALA B 77 10.16 -4.19 3.70
CA ALA B 77 11.55 -4.24 3.25
C ALA B 77 12.49 -3.49 4.18
N TRP B 78 12.01 -2.41 4.82
CA TRP B 78 12.85 -1.62 5.73
C TRP B 78 13.05 -2.37 7.04
N ASP B 79 12.01 -3.01 7.54
CA ASP B 79 12.13 -3.81 8.77
C ASP B 79 13.15 -4.91 8.54
N ILE B 80 13.08 -5.55 7.38
CA ILE B 80 14.06 -6.59 7.05
C ILE B 80 15.47 -6.03 6.80
N GLY B 81 15.57 -4.99 5.97
CA GLY B 81 16.87 -4.49 5.57
C GLY B 81 17.63 -3.72 6.63
N VAL B 82 16.98 -2.82 7.38
CA VAL B 82 17.67 -2.04 8.39
C VAL B 82 18.10 -2.98 9.54
N ALA B 83 17.38 -4.07 9.80
CA ALA B 83 17.79 -5.04 10.84
C ALA B 83 19.13 -5.70 10.50
N THR B 84 19.60 -5.65 9.24
CA THR B 84 20.89 -6.20 8.82
C THR B 84 22.04 -5.20 8.89
N MET B 85 21.76 -3.95 9.19
CA MET B 85 22.75 -2.90 9.08
C MET B 85 23.43 -2.55 10.40
N LYS B 86 24.70 -2.18 10.34
CA LYS B 86 25.48 -1.70 11.48
C LYS B 86 25.45 -0.19 11.55
N LYS B 87 25.66 0.34 12.75
CA LYS B 87 25.79 1.77 12.96
C LYS B 87 26.86 2.35 12.04
N GLY B 88 26.48 3.37 11.25
CA GLY B 88 27.41 4.01 10.32
C GLY B 88 27.38 3.41 8.91
N GLU B 89 26.75 2.23 8.72
CA GLU B 89 26.66 1.60 7.41
C GLU B 89 25.84 2.47 6.45
N ILE B 90 26.23 2.43 5.14
CA ILE B 90 25.37 2.90 4.07
C ILE B 90 25.10 1.69 3.21
N ALA B 91 23.82 1.48 2.99
CA ALA B 91 23.41 0.39 2.13
C ALA B 91 22.51 0.86 1.01
N HIS B 92 22.48 0.09 -0.09
CA HIS B 92 21.44 0.18 -1.10
C HIS B 92 20.49 -1.00 -1.07
N LEU B 93 19.19 -0.72 -1.14
CA LEU B 93 18.15 -1.73 -1.16
C LEU B 93 17.36 -1.58 -2.47
N LEU B 94 17.06 -2.69 -3.12
CA LEU B 94 16.11 -2.73 -4.22
C LEU B 94 15.00 -3.66 -3.81
N ILE B 95 13.77 -3.22 -3.95
CA ILE B 95 12.63 -3.81 -3.31
C ILE B 95 11.48 -4.14 -4.23
N LYS B 96 11.07 -5.40 -4.28
CA LYS B 96 9.89 -5.74 -5.06
C LYS B 96 8.60 -5.40 -4.35
N PRO B 97 7.49 -5.21 -5.11
CA PRO B 97 6.29 -4.67 -4.51
C PRO B 97 5.71 -5.45 -3.35
N GLU B 98 5.97 -6.75 -3.35
CA GLU B 98 5.47 -7.61 -2.26
C GLU B 98 6.06 -7.16 -0.91
N TYR B 99 7.20 -6.46 -0.89
CA TYR B 99 7.84 -6.03 0.36
C TYR B 99 7.72 -4.51 0.49
N ALA B 100 6.82 -3.91 -0.32
CA ALA B 100 6.62 -2.50 -0.25
C ALA B 100 5.11 -2.24 -0.29
N TYR B 101 4.56 -1.70 -1.39
CA TYR B 101 3.16 -1.27 -1.42
C TYR B 101 2.24 -2.20 -2.23
N GLY B 102 2.78 -3.23 -2.86
CA GLY B 102 2.00 -4.30 -3.43
C GLY B 102 1.20 -3.92 -4.67
N SER B 103 0.20 -4.73 -4.98
CA SER B 103 -0.64 -4.50 -6.17
C SER B 103 -1.56 -3.33 -5.93
N ALA B 104 -1.90 -3.05 -4.67
CA ALA B 104 -2.75 -1.92 -4.38
C ALA B 104 -2.06 -0.57 -4.65
N GLY B 105 -0.79 -0.53 -4.42
CA GLY B 105 0.00 0.70 -4.45
C GLY B 105 -0.40 1.65 -3.32
N SER B 106 0.00 2.92 -3.50
CA SER B 106 -0.26 3.93 -2.50
C SER B 106 -0.24 5.26 -3.19
N LEU B 107 -1.30 5.52 -3.97
CA LEU B 107 -1.33 6.75 -4.78
C LEU B 107 -1.47 7.98 -3.87
N PRO B 108 -0.99 9.14 -4.33
CA PRO B 108 -0.38 9.31 -5.65
C PRO B 108 1.12 9.06 -5.72
N LYS B 109 1.75 8.77 -4.59
CA LYS B 109 3.20 8.61 -4.59
C LYS B 109 3.65 7.31 -5.23
N ILE B 110 2.91 6.22 -5.00
CA ILE B 110 3.41 4.92 -5.38
C ILE B 110 2.38 4.21 -6.25
N PRO B 111 2.70 3.82 -7.48
CA PRO B 111 1.73 3.11 -8.30
C PRO B 111 1.63 1.65 -7.84
N SER B 112 0.59 0.97 -8.41
CA SER B 112 0.50 -0.48 -8.32
C SER B 112 1.80 -1.16 -8.77
N ASN B 113 2.23 -2.18 -8.07
CA ASN B 113 3.28 -3.11 -8.49
C ASN B 113 4.63 -2.41 -8.66
N ALA B 114 4.93 -1.39 -7.83
CA ALA B 114 6.14 -0.60 -7.89
C ALA B 114 7.33 -1.27 -7.20
N THR B 115 8.45 -1.23 -7.93
CA THR B 115 9.75 -1.59 -7.40
C THR B 115 10.40 -0.28 -6.90
N LEU B 116 11.03 -0.40 -5.71
CA LEU B 116 11.59 0.78 -5.02
C LEU B 116 13.08 0.60 -4.79
N PHE B 117 13.80 1.74 -4.80
CA PHE B 117 15.22 1.79 -4.52
C PHE B 117 15.46 2.80 -3.39
N PHE B 118 16.28 2.39 -2.42
CA PHE B 118 16.74 3.31 -1.39
C PHE B 118 18.23 3.19 -1.16
N GLU B 119 18.81 4.35 -0.80
CA GLU B 119 20.06 4.41 -0.11
C GLU B 119 19.74 4.84 1.31
N ILE B 120 20.27 4.06 2.27
CA ILE B 120 20.03 4.28 3.68
C ILE B 120 21.38 4.36 4.37
N GLU B 121 21.49 5.41 5.23
CA GLU B 121 22.59 5.48 6.19
C GLU B 121 22.03 5.27 7.61
N LEU B 122 22.50 4.26 8.31
CA LEU B 122 22.07 4.01 9.70
C LEU B 122 22.84 4.93 10.64
N LEU B 123 22.18 5.90 11.31
CA LEU B 123 22.88 6.90 12.12
C LEU B 123 23.03 6.36 13.55
N ASP B 124 21.97 5.71 14.02
CA ASP B 124 21.95 5.25 15.41
C ASP B 124 20.69 4.39 15.60
N PHE B 125 20.67 3.69 16.77
CA PHE B 125 19.49 2.95 17.19
C PHE B 125 19.57 2.66 18.70
N LYS B 126 18.39 2.65 19.35
CA LYS B 126 18.30 2.51 20.79
C LYS B 126 17.18 1.53 21.13
N GLY B 127 17.30 0.81 22.26
CA GLY B 127 16.21 -0.06 22.70
C GLY B 127 15.03 0.77 23.22
N GLU B 128 13.80 0.23 23.11
CA GLU B 128 12.57 0.82 23.63
C GLU B 128 12.74 1.10 25.15
#